data_3K7X
#
_entry.id   3K7X
#
_cell.length_a   46.194
_cell.length_b   75.333
_cell.length_c   53.756
_cell.angle_alpha   90.00
_cell.angle_beta   95.28
_cell.angle_gamma   90.00
#
_symmetry.space_group_name_H-M   'P 1 21 1'
#
loop_
_entity.id
_entity.type
_entity.pdbx_description
1 polymer 'Lin0763 protein'
2 non-polymer 'PHOSPHATE ION'
3 water water
#
_entity_poly.entity_id   1
_entity_poly.type   'polypeptide(L)'
_entity_poly.pdbx_seq_one_letter_code
;(MSE)KWSEYANLAQQSLEKFYLADTKEQFLNNFYPTENPEEDNKVFNYWWLAHLVEVRLDAYLRTKKQADLEVAEKTYL
HNKNRNGGTLIHDFYDD(MSE)LWNALAAYRLYKATGKSIYLEDAQLVWQDLVDTGWNDI(MSE)GGGFAWRRPQ(MSE)
YYKNTPVNAPFIILSCWLYNELNETKYLEWA(MSE)KTYEWQTKVLVREDGFVEDGINRLEDGTIDYEWKFTYNQGVYIG
ANLELYRITKEAIYLDTANKTAAISLKELTEDGIFKDEGNGGDEGLFKGIFYRYFTDLIEETANKTYRDFVLNSCQILVE
NAKLDGYLL(MSE)G(MSE)NWKEKPSGKIPYSAELSG(MSE)IALE(MSE)AAKLELEHHHHHH
;
_entity_poly.pdbx_strand_id   A
#
loop_
_chem_comp.id
_chem_comp.type
_chem_comp.name
_chem_comp.formula
PO4 non-polymer 'PHOSPHATE ION' 'O4 P -3'
#
# COMPACT_ATOMS: atom_id res chain seq x y z
N MSE A 1 -6.17 7.72 25.27
CA MSE A 1 -7.02 7.29 24.13
C MSE A 1 -6.46 5.98 23.57
O MSE A 1 -5.28 5.90 23.24
CB MSE A 1 -7.02 8.37 23.05
CG MSE A 1 -8.20 8.29 22.08
SE MSE A 1 -8.17 9.62 20.64
CE MSE A 1 -9.31 10.97 21.44
N LYS A 2 -7.30 4.96 23.48
CA LYS A 2 -6.88 3.65 22.96
C LYS A 2 -6.53 3.74 21.47
N TRP A 3 -5.85 2.74 20.96
CA TRP A 3 -5.48 2.74 19.55
C TRP A 3 -6.71 2.74 18.65
N SER A 4 -7.76 2.00 19.03
CA SER A 4 -8.97 1.98 18.22
C SER A 4 -9.55 3.38 18.12
N GLU A 5 -9.45 4.15 19.20
CA GLU A 5 -9.97 5.51 19.22
C GLU A 5 -9.08 6.43 18.39
N TYR A 6 -7.77 6.22 18.42
CA TYR A 6 -6.89 7.05 17.61
C TYR A 6 -7.14 6.76 16.13
N ALA A 7 -7.49 5.51 15.82
CA ALA A 7 -7.77 5.12 14.44
C ALA A 7 -9.03 5.84 13.99
N ASN A 8 -10.00 5.94 14.88
CA ASN A 8 -11.25 6.63 14.56
C ASN A 8 -10.98 8.11 14.33
N LEU A 9 -10.13 8.70 15.17
CA LEU A 9 -9.79 10.11 15.03
C LEU A 9 -9.06 10.34 13.70
N ALA A 10 -8.22 9.39 13.32
CA ALA A 10 -7.48 9.49 12.08
C ALA A 10 -8.46 9.46 10.91
N GLN A 11 -9.43 8.56 10.97
CA GLN A 11 -10.43 8.45 9.91
C GLN A 11 -11.13 9.81 9.71
N GLN A 12 -11.47 10.47 10.81
CA GLN A 12 -12.15 11.77 10.76
C GLN A 12 -11.23 12.90 10.31
N SER A 13 -9.94 12.77 10.58
CA SER A 13 -8.99 13.82 10.24
C SER A 13 -8.81 14.11 8.75
N LEU A 14 -8.95 13.09 7.91
CA LEU A 14 -8.76 13.28 6.47
C LEU A 14 -9.58 14.44 5.91
N GLU A 15 -10.91 14.38 6.06
CA GLU A 15 -11.75 15.44 5.52
C GLU A 15 -11.56 16.77 6.27
N LYS A 16 -11.19 16.69 7.54
CA LYS A 16 -10.97 17.90 8.32
C LYS A 16 -9.92 18.77 7.64
N PHE A 17 -8.88 18.15 7.10
CA PHE A 17 -7.81 18.92 6.45
C PHE A 17 -7.78 18.85 4.93
N TYR A 18 -8.52 17.92 4.33
CA TYR A 18 -8.47 17.81 2.87
C TYR A 18 -9.77 17.93 2.08
N LEU A 19 -10.91 18.06 2.74
CA LEU A 19 -12.18 18.17 2.01
C LEU A 19 -12.11 19.35 1.04
N ALA A 20 -12.36 19.08 -0.24
CA ALA A 20 -12.31 20.09 -1.28
C ALA A 20 -13.54 20.99 -1.32
N ASP A 21 -13.46 22.06 -2.11
CA ASP A 21 -14.56 23.01 -2.25
C ASP A 21 -15.71 22.44 -3.07
N THR A 22 -15.39 21.54 -4.00
CA THR A 22 -16.41 20.93 -4.84
C THR A 22 -16.49 19.43 -4.58
N LYS A 23 -17.69 18.89 -4.75
CA LYS A 23 -17.93 17.47 -4.55
C LYS A 23 -17.18 16.66 -5.61
N GLU A 24 -17.00 17.27 -6.79
CA GLU A 24 -16.31 16.59 -7.89
C GLU A 24 -14.86 16.30 -7.53
N GLN A 25 -14.19 17.27 -6.92
CA GLN A 25 -12.81 17.10 -6.56
C GLN A 25 -12.73 16.13 -5.37
N PHE A 26 -13.62 16.32 -4.39
CA PHE A 26 -13.68 15.47 -3.19
C PHE A 26 -12.60 15.79 -2.14
N LEU A 27 -11.34 15.65 -2.54
CA LEU A 27 -10.23 15.92 -1.62
C LEU A 27 -9.12 16.70 -2.32
N ASN A 28 -8.60 17.74 -1.65
CA ASN A 28 -7.48 18.51 -2.17
C ASN A 28 -6.26 17.62 -1.98
N ASN A 29 -5.27 17.76 -2.84
CA ASN A 29 -4.08 16.94 -2.72
C ASN A 29 -3.22 17.34 -1.52
N PHE A 30 -3.24 18.64 -1.21
CA PHE A 30 -2.42 19.16 -0.11
C PHE A 30 -3.14 20.00 0.94
N TYR A 31 -2.44 20.17 2.07
CA TYR A 31 -2.89 21.03 3.15
C TYR A 31 -1.64 21.69 3.71
N PRO A 32 -1.60 23.03 3.73
CA PRO A 32 -2.68 23.88 3.24
C PRO A 32 -2.60 23.92 1.72
N THR A 33 -3.58 24.54 1.08
CA THR A 33 -3.57 24.65 -0.36
C THR A 33 -3.97 26.08 -0.73
N GLU A 34 -2.95 26.91 -0.96
CA GLU A 34 -3.15 28.31 -1.31
C GLU A 34 -3.78 28.48 -2.68
N ASN A 35 -3.37 27.62 -3.61
CA ASN A 35 -3.90 27.66 -4.97
C ASN A 35 -4.47 26.28 -5.33
N PRO A 36 -5.70 25.98 -4.86
CA PRO A 36 -6.38 24.70 -5.12
C PRO A 36 -6.31 24.27 -6.58
N GLU A 37 -6.68 25.17 -7.49
CA GLU A 37 -6.68 24.88 -8.92
C GLU A 37 -5.40 24.18 -9.40
N GLU A 38 -4.26 24.80 -9.12
CA GLU A 38 -2.96 24.26 -9.53
C GLU A 38 -2.55 23.03 -8.73
N ASP A 39 -2.72 23.09 -7.41
CA ASP A 39 -2.35 21.98 -6.56
C ASP A 39 -3.16 20.72 -6.86
N ASN A 40 -4.39 20.89 -7.34
CA ASN A 40 -5.25 19.75 -7.63
C ASN A 40 -5.22 19.23 -9.07
N LYS A 41 -4.32 19.77 -9.90
CA LYS A 41 -4.21 19.33 -11.29
C LYS A 41 -3.98 17.83 -11.37
N VAL A 42 -3.08 17.33 -10.53
CA VAL A 42 -2.75 15.91 -10.50
C VAL A 42 -3.84 15.05 -9.88
N PHE A 43 -4.36 14.10 -10.66
CA PHE A 43 -5.40 13.19 -10.18
C PHE A 43 -4.66 11.99 -9.60
N ASN A 44 -4.56 11.95 -8.28
CA ASN A 44 -3.87 10.86 -7.60
C ASN A 44 -4.72 9.61 -7.47
N TYR A 45 -4.96 9.00 -8.62
CA TYR A 45 -5.75 7.79 -8.76
C TYR A 45 -5.25 6.70 -7.80
N TRP A 46 -3.94 6.56 -7.66
CA TRP A 46 -3.42 5.53 -6.76
C TRP A 46 -3.52 5.89 -5.28
N TRP A 47 -3.55 7.18 -4.94
CA TRP A 47 -3.68 7.56 -3.54
C TRP A 47 -5.09 7.15 -3.11
N LEU A 48 -6.07 7.43 -3.96
CA LEU A 48 -7.46 7.10 -3.65
C LEU A 48 -7.67 5.59 -3.50
N ALA A 49 -6.83 4.81 -4.16
CA ALA A 49 -6.93 3.35 -4.06
C ALA A 49 -6.63 2.97 -2.60
N HIS A 50 -5.64 3.64 -2.01
CA HIS A 50 -5.30 3.35 -0.63
C HIS A 50 -6.30 3.93 0.35
N LEU A 51 -7.00 5.00 -0.04
CA LEU A 51 -8.00 5.56 0.83
C LEU A 51 -9.14 4.54 0.94
N VAL A 52 -9.45 3.86 -0.18
CA VAL A 52 -10.49 2.85 -0.18
C VAL A 52 -10.09 1.79 0.86
N GLU A 53 -8.82 1.39 0.82
CA GLU A 53 -8.32 0.39 1.75
C GLU A 53 -8.41 0.81 3.22
N VAL A 54 -8.01 2.04 3.53
CA VAL A 54 -8.06 2.49 4.92
C VAL A 54 -9.51 2.64 5.39
N ARG A 55 -10.41 2.99 4.47
CA ARG A 55 -11.82 3.11 4.83
C ARG A 55 -12.34 1.70 5.13
N LEU A 56 -11.85 0.71 4.39
CA LEU A 56 -12.26 -0.67 4.61
C LEU A 56 -11.73 -1.17 5.95
N ASP A 57 -10.52 -0.74 6.31
CA ASP A 57 -9.93 -1.15 7.59
C ASP A 57 -10.86 -0.71 8.71
N ALA A 58 -11.41 0.50 8.59
CA ALA A 58 -12.31 1.02 9.60
C ALA A 58 -13.56 0.16 9.67
N TYR A 59 -14.07 -0.24 8.51
CA TYR A 59 -15.25 -1.09 8.47
C TYR A 59 -14.97 -2.43 9.15
N LEU A 60 -13.82 -3.01 8.84
CA LEU A 60 -13.45 -4.29 9.43
C LEU A 60 -13.34 -4.18 10.95
N ARG A 61 -12.99 -2.98 11.42
CA ARG A 61 -12.86 -2.74 12.85
C ARG A 61 -14.22 -2.47 13.50
N THR A 62 -15.05 -1.67 12.84
CA THR A 62 -16.36 -1.30 13.38
C THR A 62 -17.57 -2.18 13.05
N LYS A 63 -17.56 -2.76 11.86
CA LYS A 63 -18.66 -3.62 11.38
C LYS A 63 -19.89 -2.76 11.04
N LYS A 64 -19.73 -1.44 11.08
CA LYS A 64 -20.83 -0.53 10.79
C LYS A 64 -21.06 -0.36 9.29
N GLN A 65 -22.30 -0.57 8.86
CA GLN A 65 -22.63 -0.46 7.45
C GLN A 65 -22.25 0.92 6.87
N ALA A 66 -22.39 1.95 7.69
CA ALA A 66 -22.06 3.32 7.25
C ALA A 66 -20.58 3.42 6.84
N ASP A 67 -19.72 2.66 7.52
CA ASP A 67 -18.29 2.68 7.21
C ASP A 67 -18.01 1.96 5.89
N LEU A 68 -18.71 0.88 5.62
CA LEU A 68 -18.52 0.16 4.37
C LEU A 68 -18.98 1.04 3.21
N GLU A 69 -20.05 1.79 3.43
CA GLU A 69 -20.59 2.67 2.41
C GLU A 69 -19.60 3.77 2.03
N VAL A 70 -18.89 4.30 3.01
CA VAL A 70 -17.91 5.35 2.71
C VAL A 70 -16.82 4.76 1.81
N ALA A 71 -16.47 3.50 2.05
CA ALA A 71 -15.44 2.83 1.26
C ALA A 71 -15.90 2.63 -0.18
N GLU A 72 -17.13 2.14 -0.36
CA GLU A 72 -17.67 1.93 -1.69
C GLU A 72 -17.80 3.24 -2.44
N LYS A 73 -18.34 4.25 -1.77
CA LYS A 73 -18.52 5.57 -2.37
C LYS A 73 -17.18 6.11 -2.83
N THR A 74 -16.14 5.89 -2.02
CA THR A 74 -14.80 6.36 -2.36
C THR A 74 -14.28 5.64 -3.61
N TYR A 75 -14.46 4.32 -3.64
CA TYR A 75 -14.01 3.51 -4.77
C TYR A 75 -14.67 3.95 -6.07
N LEU A 76 -15.98 4.16 -6.03
CA LEU A 76 -16.71 4.57 -7.23
C LEU A 76 -16.30 5.97 -7.66
N HIS A 77 -16.05 6.84 -6.69
CA HIS A 77 -15.62 8.21 -7.00
C HIS A 77 -14.33 8.15 -7.82
N ASN A 78 -13.41 7.29 -7.37
CA ASN A 78 -12.12 7.14 -8.02
C ASN A 78 -12.22 6.50 -9.40
N LYS A 79 -12.95 5.39 -9.49
CA LYS A 79 -13.14 4.69 -10.75
C LYS A 79 -13.78 5.64 -11.77
N ASN A 80 -14.74 6.42 -11.33
CA ASN A 80 -15.41 7.36 -12.24
C ASN A 80 -14.53 8.55 -12.63
N ARG A 81 -13.68 9.02 -11.72
CA ARG A 81 -12.79 10.11 -12.09
C ARG A 81 -11.85 9.59 -13.16
N ASN A 82 -11.57 8.28 -13.12
CA ASN A 82 -10.68 7.68 -14.08
C ASN A 82 -11.40 7.24 -15.36
N GLY A 83 -12.60 7.75 -15.58
CA GLY A 83 -13.33 7.40 -16.79
C GLY A 83 -14.25 6.19 -16.71
N GLY A 84 -14.58 5.76 -15.50
CA GLY A 84 -15.47 4.62 -15.33
C GLY A 84 -14.83 3.26 -15.51
N THR A 85 -13.51 3.21 -15.37
CA THR A 85 -12.76 1.97 -15.52
C THR A 85 -11.49 2.05 -14.69
N LEU A 86 -10.91 0.89 -14.35
CA LEU A 86 -9.68 0.86 -13.58
C LEU A 86 -8.46 0.93 -14.51
N ILE A 87 -8.68 0.64 -15.79
CA ILE A 87 -7.58 0.67 -16.76
C ILE A 87 -6.89 2.03 -16.70
N HIS A 88 -5.56 2.01 -16.70
CA HIS A 88 -4.78 3.24 -16.59
C HIS A 88 -3.45 3.01 -17.30
N ASP A 89 -2.70 4.08 -17.55
CA ASP A 89 -1.42 3.99 -18.22
C ASP A 89 -0.33 3.40 -17.33
N PHE A 90 -0.45 3.61 -16.02
CA PHE A 90 0.52 3.09 -15.06
C PHE A 90 0.03 1.77 -14.50
N TYR A 91 0.77 0.71 -14.77
CA TYR A 91 0.40 -0.62 -14.31
C TYR A 91 0.32 -0.72 -12.79
N ASP A 92 1.19 -0.01 -12.08
CA ASP A 92 1.14 -0.07 -10.63
C ASP A 92 -0.10 0.64 -10.08
N ASP A 93 -0.43 1.81 -10.63
CA ASP A 93 -1.62 2.52 -10.17
C ASP A 93 -2.82 1.59 -10.30
N MSE A 94 -2.86 0.87 -11.42
CA MSE A 94 -3.95 -0.08 -11.66
C MSE A 94 -3.99 -1.15 -10.58
O MSE A 94 -5.05 -1.45 -10.05
CB MSE A 94 -3.77 -0.78 -13.01
CG MSE A 94 -4.15 0.04 -14.22
SE MSE A 94 -3.95 -1.03 -15.82
CE MSE A 94 -5.44 -2.18 -15.61
N LEU A 95 -2.84 -1.73 -10.28
CA LEU A 95 -2.77 -2.79 -9.28
C LEU A 95 -3.23 -2.35 -7.89
N TRP A 96 -2.85 -1.15 -7.46
CA TRP A 96 -3.28 -0.69 -6.15
C TRP A 96 -4.80 -0.67 -6.10
N ASN A 97 -5.40 -0.28 -7.21
CA ASN A 97 -6.85 -0.23 -7.30
C ASN A 97 -7.46 -1.62 -7.40
N ALA A 98 -6.74 -2.55 -8.00
CA ALA A 98 -7.24 -3.92 -8.12
C ALA A 98 -7.25 -4.58 -6.76
N LEU A 99 -6.26 -4.25 -5.93
CA LEU A 99 -6.20 -4.81 -4.58
C LEU A 99 -7.37 -4.28 -3.77
N ALA A 100 -7.62 -2.97 -3.90
CA ALA A 100 -8.73 -2.35 -3.18
C ALA A 100 -10.05 -2.98 -3.67
N ALA A 101 -10.14 -3.21 -4.97
CA ALA A 101 -11.34 -3.81 -5.56
C ALA A 101 -11.64 -5.18 -4.99
N TYR A 102 -10.61 -6.00 -4.84
CA TYR A 102 -10.80 -7.34 -4.30
C TYR A 102 -11.27 -7.29 -2.85
N ARG A 103 -10.67 -6.42 -2.06
CA ARG A 103 -11.07 -6.31 -0.67
C ARG A 103 -12.52 -5.81 -0.59
N LEU A 104 -12.90 -4.94 -1.52
CA LEU A 104 -14.26 -4.42 -1.56
C LEU A 104 -15.21 -5.55 -1.91
N TYR A 105 -14.78 -6.41 -2.82
CA TYR A 105 -15.57 -7.56 -3.24
C TYR A 105 -15.85 -8.49 -2.07
N LYS A 106 -14.82 -8.76 -1.26
CA LYS A 106 -14.97 -9.64 -0.12
C LYS A 106 -15.84 -9.03 0.97
N ALA A 107 -15.89 -7.70 1.03
CA ALA A 107 -16.69 -7.02 2.04
C ALA A 107 -18.14 -6.78 1.62
N THR A 108 -18.37 -6.52 0.34
CA THR A 108 -19.71 -6.26 -0.17
C THR A 108 -20.34 -7.45 -0.87
N GLY A 109 -19.51 -8.32 -1.43
CA GLY A 109 -20.04 -9.47 -2.14
C GLY A 109 -20.50 -9.12 -3.55
N LYS A 110 -20.34 -7.86 -3.95
CA LYS A 110 -20.77 -7.44 -5.28
C LYS A 110 -19.76 -7.90 -6.34
N SER A 111 -20.24 -8.67 -7.32
CA SER A 111 -19.40 -9.22 -8.39
C SER A 111 -18.66 -8.22 -9.26
N ILE A 112 -19.17 -7.00 -9.39
CA ILE A 112 -18.49 -6.02 -10.24
C ILE A 112 -17.08 -5.70 -9.73
N TYR A 113 -16.88 -5.74 -8.41
CA TYR A 113 -15.57 -5.47 -7.85
C TYR A 113 -14.58 -6.60 -8.14
N LEU A 114 -15.08 -7.84 -8.11
CA LEU A 114 -14.22 -8.98 -8.43
C LEU A 114 -13.85 -8.91 -9.91
N GLU A 115 -14.82 -8.53 -10.74
CA GLU A 115 -14.56 -8.42 -12.17
C GLU A 115 -13.54 -7.31 -12.42
N ASP A 116 -13.63 -6.22 -11.67
CA ASP A 116 -12.66 -5.13 -11.83
C ASP A 116 -11.27 -5.66 -11.48
N ALA A 117 -11.14 -6.34 -10.36
CA ALA A 117 -9.84 -6.88 -9.94
C ALA A 117 -9.30 -7.86 -10.97
N GLN A 118 -10.18 -8.71 -11.50
CA GLN A 118 -9.79 -9.72 -12.47
C GLN A 118 -9.35 -9.07 -13.80
N LEU A 119 -10.04 -8.01 -14.20
CA LEU A 119 -9.73 -7.31 -15.43
C LEU A 119 -8.34 -6.68 -15.38
N VAL A 120 -7.95 -6.16 -14.21
CA VAL A 120 -6.64 -5.55 -14.05
C VAL A 120 -5.57 -6.62 -14.19
N TRP A 121 -5.77 -7.75 -13.51
CA TRP A 121 -4.84 -8.87 -13.55
C TRP A 121 -4.64 -9.30 -15.00
N GLN A 122 -5.76 -9.44 -15.71
CA GLN A 122 -5.74 -9.87 -17.11
C GLN A 122 -5.03 -8.88 -18.03
N ASP A 123 -5.23 -7.58 -17.79
CA ASP A 123 -4.60 -6.56 -18.63
C ASP A 123 -3.09 -6.61 -18.46
N LEU A 124 -2.62 -6.88 -17.25
CA LEU A 124 -1.19 -6.97 -17.04
C LEU A 124 -0.64 -8.20 -17.74
N VAL A 125 -1.33 -9.33 -17.59
CA VAL A 125 -0.89 -10.56 -18.24
C VAL A 125 -0.88 -10.43 -19.76
N ASP A 126 -1.90 -9.76 -20.31
CA ASP A 126 -1.99 -9.60 -21.76
C ASP A 126 -1.08 -8.54 -22.36
N THR A 127 -0.75 -7.49 -21.62
CA THR A 127 0.05 -6.42 -22.19
C THR A 127 1.30 -5.93 -21.46
N GLY A 128 1.41 -6.20 -20.18
CA GLY A 128 2.56 -5.68 -19.44
C GLY A 128 3.85 -6.47 -19.28
N TRP A 129 3.85 -7.74 -19.66
CA TRP A 129 5.05 -8.56 -19.50
C TRP A 129 5.81 -8.80 -20.80
N ASN A 130 7.14 -8.79 -20.69
CA ASN A 130 8.01 -9.07 -21.84
C ASN A 130 9.34 -9.56 -21.29
N ASP A 131 10.21 -10.04 -22.16
CA ASP A 131 11.48 -10.58 -21.70
C ASP A 131 12.63 -9.60 -21.52
N ILE A 132 12.35 -8.30 -21.65
CA ILE A 132 13.39 -7.30 -21.44
C ILE A 132 13.80 -7.39 -19.97
N MSE A 133 15.10 -7.48 -19.72
CA MSE A 133 15.63 -7.61 -18.36
C MSE A 133 15.28 -8.98 -17.80
O MSE A 133 15.22 -9.18 -16.58
CB MSE A 133 15.13 -6.49 -17.44
CG MSE A 133 15.71 -5.10 -17.75
SE MSE A 133 17.68 -5.05 -17.79
CE MSE A 133 18.08 -6.44 -16.51
N GLY A 134 15.04 -9.92 -18.70
CA GLY A 134 14.74 -11.29 -18.31
C GLY A 134 13.32 -11.57 -17.87
N GLY A 135 12.42 -10.61 -18.01
CA GLY A 135 11.06 -10.82 -17.60
C GLY A 135 10.56 -9.68 -16.74
N GLY A 136 9.44 -9.88 -16.05
CA GLY A 136 8.89 -8.85 -15.20
C GLY A 136 7.91 -7.94 -15.91
N PHE A 137 6.97 -7.37 -15.17
CA PHE A 137 5.97 -6.47 -15.72
C PHE A 137 6.56 -5.06 -15.78
N ALA A 138 6.20 -4.31 -16.83
CA ALA A 138 6.70 -2.96 -17.02
C ALA A 138 5.96 -1.96 -16.12
N TRP A 139 6.57 -0.80 -15.93
CA TRP A 139 5.99 0.24 -15.08
C TRP A 139 4.75 0.87 -15.69
N ARG A 140 4.87 1.30 -16.93
CA ARG A 140 3.76 1.96 -17.62
C ARG A 140 3.82 1.67 -19.11
N ARG A 141 2.70 1.85 -19.80
CA ARG A 141 2.62 1.58 -21.23
C ARG A 141 3.65 2.25 -22.16
N PRO A 142 4.01 3.52 -21.93
CA PRO A 142 4.98 4.16 -22.82
C PRO A 142 6.42 3.81 -22.48
N GLN A 143 6.62 2.96 -21.47
CA GLN A 143 7.96 2.60 -21.04
C GLN A 143 8.00 1.11 -20.68
N MSE A 144 7.85 0.27 -21.70
CA MSE A 144 7.80 -1.19 -21.55
C MSE A 144 9.10 -1.90 -21.19
O MSE A 144 9.11 -3.10 -20.94
CB MSE A 144 7.26 -1.82 -22.83
CG MSE A 144 5.82 -1.42 -23.18
SE MSE A 144 4.56 -1.89 -21.77
CE MSE A 144 4.71 -3.81 -21.85
N TYR A 145 10.21 -1.16 -21.16
CA TYR A 145 11.52 -1.75 -20.84
C TYR A 145 11.91 -1.59 -19.37
N TYR A 146 11.18 -0.74 -18.64
CA TYR A 146 11.46 -0.46 -17.23
C TYR A 146 10.64 -1.37 -16.32
N LYS A 147 11.31 -2.27 -15.61
CA LYS A 147 10.66 -3.21 -14.71
C LYS A 147 10.92 -2.82 -13.25
N ASN A 148 9.86 -2.64 -12.48
CA ASN A 148 10.02 -2.23 -11.09
C ASN A 148 9.14 -2.97 -10.07
N THR A 149 9.53 -2.89 -8.81
CA THR A 149 8.82 -3.54 -7.72
C THR A 149 7.38 -3.10 -7.49
N PRO A 150 7.10 -1.78 -7.57
CA PRO A 150 5.71 -1.35 -7.35
C PRO A 150 4.69 -2.04 -8.25
N VAL A 151 5.14 -2.63 -9.36
CA VAL A 151 4.24 -3.34 -10.26
C VAL A 151 4.28 -4.84 -9.98
N ASN A 152 5.49 -5.39 -10.01
CA ASN A 152 5.66 -6.82 -9.82
C ASN A 152 5.24 -7.42 -8.48
N ALA A 153 5.60 -6.79 -7.36
CA ALA A 153 5.21 -7.33 -6.06
C ALA A 153 3.69 -7.30 -5.88
N PRO A 154 3.05 -6.16 -6.14
CA PRO A 154 1.59 -6.12 -5.98
C PRO A 154 0.89 -7.13 -6.89
N PHE A 155 1.46 -7.42 -8.06
CA PHE A 155 0.82 -8.38 -8.97
C PHE A 155 0.84 -9.77 -8.35
N ILE A 156 1.91 -10.10 -7.63
CA ILE A 156 2.01 -11.40 -6.98
C ILE A 156 0.90 -11.54 -5.94
N ILE A 157 0.72 -10.49 -5.14
CA ILE A 157 -0.33 -10.49 -4.12
C ILE A 157 -1.69 -10.67 -4.76
N LEU A 158 -1.98 -9.87 -5.79
CA LEU A 158 -3.27 -9.97 -6.48
C LEU A 158 -3.48 -11.36 -7.07
N SER A 159 -2.43 -11.93 -7.65
CA SER A 159 -2.51 -13.27 -8.24
C SER A 159 -2.85 -14.32 -7.18
N CYS A 160 -2.21 -14.22 -6.02
CA CYS A 160 -2.47 -15.17 -4.94
C CYS A 160 -3.91 -15.04 -4.45
N TRP A 161 -4.36 -13.81 -4.25
CA TRP A 161 -5.73 -13.58 -3.79
C TRP A 161 -6.72 -14.20 -4.77
N LEU A 162 -6.49 -13.96 -6.06
CA LEU A 162 -7.36 -14.48 -7.11
C LEU A 162 -7.29 -16.01 -7.16
N TYR A 163 -6.13 -16.57 -6.85
CA TYR A 163 -5.97 -18.02 -6.86
C TYR A 163 -6.84 -18.63 -5.77
N ASN A 164 -6.77 -18.08 -4.57
CA ASN A 164 -7.55 -18.60 -3.45
C ASN A 164 -9.04 -18.44 -3.70
N GLU A 165 -9.40 -17.39 -4.43
CA GLU A 165 -10.79 -17.09 -4.72
C GLU A 165 -11.39 -17.94 -5.84
N LEU A 166 -10.67 -18.02 -6.95
CA LEU A 166 -11.13 -18.75 -8.12
C LEU A 166 -10.59 -20.17 -8.30
N ASN A 167 -9.47 -20.48 -7.66
CA ASN A 167 -8.86 -21.80 -7.73
C ASN A 167 -8.47 -22.24 -9.15
N GLU A 168 -7.98 -21.29 -9.95
CA GLU A 168 -7.54 -21.60 -11.30
C GLU A 168 -6.01 -21.55 -11.27
N THR A 169 -5.38 -22.57 -11.84
CA THR A 169 -3.93 -22.69 -11.85
C THR A 169 -3.15 -21.51 -12.43
N LYS A 170 -3.73 -20.82 -13.41
CA LYS A 170 -3.01 -19.70 -14.02
C LYS A 170 -2.63 -18.62 -13.02
N TYR A 171 -3.44 -18.42 -11.99
CA TYR A 171 -3.13 -17.42 -10.99
C TYR A 171 -1.90 -17.77 -10.16
N LEU A 172 -1.77 -19.03 -9.76
CA LEU A 172 -0.60 -19.44 -8.99
C LEU A 172 0.64 -19.49 -9.88
N GLU A 173 0.46 -19.92 -11.12
CA GLU A 173 1.59 -20.00 -12.05
C GLU A 173 2.17 -18.62 -12.32
N TRP A 174 1.31 -17.63 -12.52
CA TRP A 174 1.80 -16.28 -12.77
C TRP A 174 2.41 -15.67 -11.49
N ALA A 175 1.85 -16.02 -10.34
CA ALA A 175 2.38 -15.51 -9.08
C ALA A 175 3.80 -16.06 -8.87
N MSE A 176 4.00 -17.32 -9.22
CA MSE A 176 5.30 -17.96 -9.08
C MSE A 176 6.30 -17.40 -10.10
O MSE A 176 7.46 -17.14 -9.78
CB MSE A 176 5.18 -19.48 -9.27
CG MSE A 176 4.57 -20.21 -8.09
SE MSE A 176 5.62 -19.97 -6.48
CE MSE A 176 7.40 -20.29 -7.19
N LYS A 177 5.84 -17.27 -11.33
CA LYS A 177 6.69 -16.76 -12.41
C LYS A 177 7.21 -15.37 -12.07
N THR A 178 6.31 -14.53 -11.57
CA THR A 178 6.66 -13.17 -11.22
C THR A 178 7.57 -13.13 -10.00
N TYR A 179 7.28 -13.97 -9.00
CA TYR A 179 8.10 -14.02 -7.78
C TYR A 179 9.54 -14.42 -8.11
N GLU A 180 9.69 -15.41 -8.98
CA GLU A 180 11.02 -15.87 -9.36
C GLU A 180 11.84 -14.76 -9.98
N TRP A 181 11.23 -14.03 -10.91
CA TRP A 181 11.91 -12.93 -11.58
C TRP A 181 12.22 -11.81 -10.58
N GLN A 182 11.21 -11.40 -9.81
CA GLN A 182 11.36 -10.34 -8.82
C GLN A 182 12.52 -10.62 -7.88
N THR A 183 12.52 -11.82 -7.31
CA THR A 183 13.55 -12.23 -6.37
C THR A 183 14.94 -12.30 -6.98
N LYS A 184 15.03 -12.87 -8.19
CA LYS A 184 16.32 -12.99 -8.87
C LYS A 184 16.89 -11.63 -9.27
N VAL A 185 16.07 -10.78 -9.86
CA VAL A 185 16.52 -9.48 -10.37
C VAL A 185 16.52 -8.29 -9.42
N LEU A 186 15.52 -8.19 -8.54
CA LEU A 186 15.42 -7.03 -7.67
C LEU A 186 15.55 -7.22 -6.16
N VAL A 187 15.90 -8.41 -5.68
CA VAL A 187 16.03 -8.58 -4.24
C VAL A 187 17.44 -8.98 -3.82
N ARG A 188 17.95 -8.30 -2.81
CA ARG A 188 19.30 -8.54 -2.31
C ARG A 188 19.38 -9.83 -1.50
N GLU A 189 20.59 -10.37 -1.35
CA GLU A 189 20.80 -11.60 -0.59
C GLU A 189 20.25 -11.50 0.83
N ASP A 190 20.33 -10.31 1.42
CA ASP A 190 19.85 -10.11 2.78
C ASP A 190 18.36 -9.74 2.85
N GLY A 191 17.68 -9.82 1.72
CA GLY A 191 16.26 -9.52 1.70
C GLY A 191 15.85 -8.10 1.32
N PHE A 192 16.82 -7.20 1.14
CA PHE A 192 16.46 -5.83 0.80
C PHE A 192 15.90 -5.79 -0.62
N VAL A 193 14.80 -5.04 -0.80
CA VAL A 193 14.15 -4.94 -2.10
C VAL A 193 14.49 -3.65 -2.85
N GLU A 194 15.08 -3.81 -4.03
CA GLU A 194 15.46 -2.67 -4.88
C GLU A 194 14.21 -2.12 -5.55
N ASP A 195 14.21 -0.84 -5.88
CA ASP A 195 13.04 -0.24 -6.50
C ASP A 195 12.75 -0.75 -7.92
N GLY A 196 13.77 -0.80 -8.76
CA GLY A 196 13.56 -1.27 -10.12
C GLY A 196 14.82 -1.32 -10.97
N ILE A 197 14.67 -1.73 -12.22
CA ILE A 197 15.81 -1.85 -13.09
C ILE A 197 15.55 -1.36 -14.52
N ASN A 198 16.58 -0.81 -15.14
CA ASN A 198 16.51 -0.34 -16.53
C ASN A 198 15.61 0.87 -16.78
N ARG A 199 15.41 1.71 -15.77
CA ARG A 199 14.58 2.91 -15.90
C ARG A 199 15.12 3.82 -17.01
N LEU A 200 16.44 3.93 -17.10
CA LEU A 200 17.08 4.77 -18.10
C LEU A 200 17.65 3.97 -19.28
N GLU A 201 17.14 2.77 -19.48
CA GLU A 201 17.59 1.90 -20.56
C GLU A 201 19.09 1.61 -20.52
N ASP A 202 19.67 1.55 -19.32
CA ASP A 202 21.10 1.25 -19.20
C ASP A 202 21.30 -0.06 -18.45
N GLY A 203 20.20 -0.76 -18.19
CA GLY A 203 20.25 -2.03 -17.51
C GLY A 203 20.67 -2.01 -16.04
N THR A 204 20.68 -0.84 -15.42
CA THR A 204 21.09 -0.75 -14.03
C THR A 204 19.91 -0.60 -13.07
N ILE A 205 20.15 -0.90 -11.80
CA ILE A 205 19.15 -0.82 -10.73
C ILE A 205 19.29 0.51 -9.98
N ASP A 206 18.17 1.06 -9.53
CA ASP A 206 18.21 2.33 -8.78
C ASP A 206 18.50 2.02 -7.31
N TYR A 207 19.75 1.66 -7.03
CA TYR A 207 20.17 1.31 -5.68
C TYR A 207 19.87 2.33 -4.59
N GLU A 208 19.95 3.61 -4.92
CA GLU A 208 19.69 4.65 -3.93
C GLU A 208 18.20 4.94 -3.70
N TRP A 209 17.33 4.29 -4.47
CA TRP A 209 15.90 4.48 -4.30
C TRP A 209 15.41 3.43 -3.30
N LYS A 210 15.80 3.63 -2.04
CA LYS A 210 15.44 2.72 -0.96
C LYS A 210 14.12 3.15 -0.37
N PHE A 211 13.05 2.46 -0.76
CA PHE A 211 11.71 2.81 -0.29
C PHE A 211 11.04 1.73 0.54
N THR A 212 10.34 2.18 1.58
CA THR A 212 9.64 1.29 2.49
C THR A 212 8.55 0.44 1.83
N TYR A 213 7.77 1.03 0.94
CA TYR A 213 6.68 0.26 0.33
C TYR A 213 7.13 -0.90 -0.54
N ASN A 214 8.34 -0.84 -1.07
CA ASN A 214 8.88 -1.94 -1.88
C ASN A 214 9.10 -3.13 -0.95
N GLN A 215 9.59 -2.84 0.26
CA GLN A 215 9.83 -3.88 1.24
C GLN A 215 8.49 -4.46 1.67
N GLY A 216 7.55 -3.57 1.94
CA GLY A 216 6.22 -3.98 2.37
C GLY A 216 5.50 -4.94 1.45
N VAL A 217 5.39 -4.57 0.17
CA VAL A 217 4.71 -5.45 -0.77
C VAL A 217 5.45 -6.76 -1.02
N TYR A 218 6.77 -6.76 -0.85
CA TYR A 218 7.53 -8.00 -1.03
C TYR A 218 7.20 -8.91 0.14
N ILE A 219 7.05 -8.32 1.32
CA ILE A 219 6.69 -9.12 2.49
C ILE A 219 5.30 -9.72 2.26
N GLY A 220 4.38 -8.90 1.77
CA GLY A 220 3.04 -9.38 1.50
C GLY A 220 3.04 -10.51 0.48
N ALA A 221 3.82 -10.34 -0.58
CA ALA A 221 3.92 -11.37 -1.62
C ALA A 221 4.44 -12.68 -1.02
N ASN A 222 5.45 -12.57 -0.16
CA ASN A 222 5.99 -13.77 0.48
C ASN A 222 4.97 -14.45 1.38
N LEU A 223 4.27 -13.67 2.18
CA LEU A 223 3.28 -14.24 3.08
C LEU A 223 2.12 -14.91 2.31
N GLU A 224 1.73 -14.33 1.19
CA GLU A 224 0.64 -14.93 0.40
C GLU A 224 1.09 -16.27 -0.18
N LEU A 225 2.32 -16.33 -0.69
CA LEU A 225 2.84 -17.57 -1.25
C LEU A 225 3.10 -18.59 -0.15
N TYR A 226 3.46 -18.12 1.03
CA TYR A 226 3.70 -19.01 2.15
C TYR A 226 2.39 -19.69 2.55
N ARG A 227 1.30 -18.93 2.51
CA ARG A 227 -0.01 -19.46 2.87
C ARG A 227 -0.45 -20.55 1.89
N ILE A 228 -0.12 -20.37 0.63
CA ILE A 228 -0.48 -21.31 -0.42
C ILE A 228 0.44 -22.53 -0.55
N THR A 229 1.75 -22.29 -0.48
CA THR A 229 2.74 -23.36 -0.64
C THR A 229 3.28 -23.99 0.62
N LYS A 230 3.33 -23.21 1.70
CA LYS A 230 3.85 -23.66 2.99
C LYS A 230 5.34 -23.98 2.97
N GLU A 231 6.06 -23.42 2.01
CA GLU A 231 7.49 -23.66 1.94
C GLU A 231 8.19 -22.62 2.81
N ALA A 232 9.14 -23.08 3.62
CA ALA A 232 9.88 -22.22 4.54
C ALA A 232 10.53 -20.98 3.92
N ILE A 233 11.02 -21.12 2.69
CA ILE A 233 11.68 -20.00 2.03
C ILE A 233 10.87 -18.70 2.06
N TYR A 234 9.56 -18.80 1.87
CA TYR A 234 8.70 -17.62 1.86
C TYR A 234 8.61 -16.93 3.21
N LEU A 235 8.41 -17.69 4.28
CA LEU A 235 8.32 -17.09 5.61
C LEU A 235 9.69 -16.53 5.99
N ASP A 236 10.73 -17.31 5.74
CA ASP A 236 12.10 -16.88 6.07
C ASP A 236 12.46 -15.59 5.33
N THR A 237 12.07 -15.51 4.07
CA THR A 237 12.35 -14.32 3.26
C THR A 237 11.56 -13.12 3.74
N ALA A 238 10.32 -13.34 4.16
CA ALA A 238 9.49 -12.24 4.66
C ALA A 238 10.17 -11.67 5.90
N ASN A 239 10.66 -12.55 6.78
CA ASN A 239 11.33 -12.13 8.00
C ASN A 239 12.63 -11.35 7.72
N LYS A 240 13.40 -11.80 6.74
CA LYS A 240 14.64 -11.12 6.40
C LYS A 240 14.39 -9.74 5.85
N THR A 241 13.36 -9.62 5.01
CA THR A 241 13.04 -8.32 4.42
C THR A 241 12.58 -7.37 5.51
N ALA A 242 11.78 -7.88 6.44
CA ALA A 242 11.31 -7.05 7.54
C ALA A 242 12.48 -6.58 8.39
N ALA A 243 13.39 -7.49 8.70
CA ALA A 243 14.55 -7.17 9.53
C ALA A 243 15.49 -6.13 8.92
N ILE A 244 15.85 -6.32 7.65
CA ILE A 244 16.75 -5.40 7.00
C ILE A 244 16.11 -4.01 6.86
N SER A 245 14.78 -3.98 6.70
CA SER A 245 14.05 -2.72 6.56
C SER A 245 14.14 -1.92 7.85
N LEU A 246 13.92 -2.58 8.98
CA LEU A 246 13.98 -1.89 10.25
C LEU A 246 15.42 -1.45 10.52
N LYS A 247 16.38 -2.28 10.14
CA LYS A 247 17.78 -1.95 10.36
C LYS A 247 18.29 -0.77 9.54
N GLU A 248 17.95 -0.73 8.25
CA GLU A 248 18.44 0.35 7.38
C GLU A 248 17.51 1.53 7.11
N LEU A 249 16.19 1.34 7.27
CA LEU A 249 15.25 2.42 6.97
C LEU A 249 14.66 3.19 8.16
N THR A 250 14.94 2.76 9.38
CA THR A 250 14.41 3.46 10.54
C THR A 250 15.50 4.11 11.38
N GLU A 251 15.10 5.07 12.19
CA GLU A 251 16.02 5.77 13.06
C GLU A 251 15.20 6.39 14.18
N ASP A 252 15.65 6.15 15.42
CA ASP A 252 14.99 6.67 16.61
C ASP A 252 13.51 6.28 16.75
N GLY A 253 13.19 5.04 16.41
CA GLY A 253 11.81 4.57 16.54
C GLY A 253 10.83 4.90 15.43
N ILE A 254 11.29 5.58 14.38
CA ILE A 254 10.41 5.91 13.27
C ILE A 254 11.16 5.75 11.95
N PHE A 255 10.42 5.74 10.85
CA PHE A 255 11.05 5.61 9.55
C PHE A 255 11.62 6.94 9.11
N LYS A 256 12.81 6.90 8.51
CA LYS A 256 13.48 8.10 8.04
C LYS A 256 12.71 8.66 6.85
N ASP A 257 12.93 9.93 6.54
CA ASP A 257 12.26 10.55 5.40
C ASP A 257 12.70 9.86 4.12
N GLU A 258 11.78 9.78 3.15
CA GLU A 258 12.06 9.13 1.88
C GLU A 258 11.91 10.09 0.69
N GLY A 259 11.73 11.37 0.96
CA GLY A 259 11.59 12.34 -0.11
C GLY A 259 10.48 13.35 0.14
N ASN A 260 10.61 14.54 -0.45
CA ASN A 260 9.61 15.58 -0.28
C ASN A 260 8.52 15.53 -1.35
N GLY A 261 8.60 14.53 -2.22
CA GLY A 261 7.59 14.39 -3.26
C GLY A 261 6.29 13.91 -2.66
N GLY A 262 5.17 14.13 -3.35
CA GLY A 262 3.88 13.72 -2.84
C GLY A 262 3.70 12.22 -2.69
N ASP A 263 3.98 11.48 -3.77
CA ASP A 263 3.83 10.02 -3.74
C ASP A 263 4.55 9.32 -2.58
N GLU A 264 5.77 9.75 -2.26
CA GLU A 264 6.52 9.10 -1.17
C GLU A 264 5.80 9.11 0.17
N GLY A 265 4.90 10.07 0.36
CA GLY A 265 4.18 10.16 1.61
C GLY A 265 3.40 8.91 1.94
N LEU A 266 2.98 8.18 0.91
CA LEU A 266 2.20 6.96 1.12
C LEU A 266 3.04 5.71 1.37
N PHE A 267 4.33 5.77 1.04
CA PHE A 267 5.20 4.61 1.17
C PHE A 267 5.22 3.86 2.50
N LYS A 268 5.44 4.54 3.62
CA LYS A 268 5.49 3.80 4.87
C LYS A 268 4.15 3.23 5.33
N GLY A 269 3.05 3.82 4.89
CA GLY A 269 1.74 3.30 5.25
C GLY A 269 1.59 1.91 4.65
N ILE A 270 2.06 1.75 3.42
CA ILE A 270 1.99 0.47 2.73
C ILE A 270 2.87 -0.57 3.45
N PHE A 271 4.02 -0.14 3.95
CA PHE A 271 4.91 -1.04 4.67
C PHE A 271 4.21 -1.54 5.93
N TYR A 272 3.64 -0.60 6.70
CA TYR A 272 2.96 -0.93 7.93
C TYR A 272 1.86 -1.98 7.75
N ARG A 273 1.14 -1.91 6.64
CA ARG A 273 0.07 -2.87 6.38
C ARG A 273 0.55 -4.31 6.27
N TYR A 274 1.54 -4.55 5.42
CA TYR A 274 2.06 -5.90 5.23
C TYR A 274 3.00 -6.34 6.35
N PHE A 275 3.62 -5.36 7.00
CA PHE A 275 4.52 -5.64 8.12
C PHE A 275 3.63 -6.17 9.25
N THR A 276 2.43 -5.61 9.35
CA THR A 276 1.49 -6.04 10.38
C THR A 276 1.02 -7.46 10.11
N ASP A 277 0.93 -7.83 8.85
CA ASP A 277 0.53 -9.19 8.50
C ASP A 277 1.62 -10.15 9.00
N LEU A 278 2.87 -9.74 8.86
CA LEU A 278 3.98 -10.58 9.30
C LEU A 278 3.93 -10.74 10.81
N ILE A 279 3.59 -9.66 11.49
CA ILE A 279 3.48 -9.67 12.94
C ILE A 279 2.42 -10.68 13.39
N GLU A 280 1.27 -10.65 12.74
CA GLU A 280 0.19 -11.56 13.10
C GLU A 280 0.51 -13.01 12.77
N GLU A 281 1.27 -13.23 11.71
CA GLU A 281 1.66 -14.56 11.29
C GLU A 281 2.74 -15.17 12.19
N THR A 282 3.64 -14.32 12.68
CA THR A 282 4.76 -14.77 13.52
C THR A 282 4.66 -14.46 15.02
N ALA A 283 3.73 -13.59 15.40
CA ALA A 283 3.59 -13.22 16.82
C ALA A 283 4.90 -12.62 17.31
N ASN A 284 5.60 -11.90 16.43
CA ASN A 284 6.86 -11.27 16.79
C ASN A 284 6.54 -10.04 17.64
N LYS A 285 6.81 -10.12 18.94
CA LYS A 285 6.51 -9.00 19.83
C LYS A 285 7.44 -7.81 19.69
N THR A 286 8.63 -8.03 19.16
CA THR A 286 9.55 -6.92 18.96
C THR A 286 9.00 -6.06 17.83
N TYR A 287 8.55 -6.71 16.76
CA TYR A 287 7.98 -5.98 15.61
C TYR A 287 6.65 -5.36 16.01
N ARG A 288 5.91 -6.04 16.88
CA ARG A 288 4.62 -5.52 17.33
C ARG A 288 4.87 -4.22 18.09
N ASP A 289 5.89 -4.20 18.95
CA ASP A 289 6.22 -3.01 19.73
C ASP A 289 6.70 -1.87 18.84
N PHE A 290 7.40 -2.18 17.76
CA PHE A 290 7.87 -1.14 16.86
C PHE A 290 6.69 -0.37 16.30
N VAL A 291 5.64 -1.08 15.91
CA VAL A 291 4.45 -0.44 15.37
C VAL A 291 3.78 0.45 16.41
N LEU A 292 3.52 -0.11 17.60
CA LEU A 292 2.87 0.66 18.66
C LEU A 292 3.72 1.85 19.14
N ASN A 293 5.01 1.64 19.28
CA ASN A 293 5.89 2.72 19.73
C ASN A 293 6.03 3.82 18.67
N SER A 294 6.04 3.45 17.40
CA SER A 294 6.17 4.46 16.35
C SER A 294 4.86 5.25 16.27
N CYS A 295 3.74 4.58 16.49
CA CYS A 295 2.44 5.25 16.46
C CYS A 295 2.31 6.19 17.65
N GLN A 296 2.98 5.86 18.75
CA GLN A 296 2.94 6.70 19.94
C GLN A 296 3.65 8.02 19.62
N ILE A 297 4.75 7.95 18.89
CA ILE A 297 5.49 9.14 18.51
C ILE A 297 4.65 9.99 17.56
N LEU A 298 3.95 9.32 16.66
CA LEU A 298 3.08 10.01 15.71
C LEU A 298 2.00 10.82 16.46
N VAL A 299 1.26 10.14 17.34
CA VAL A 299 0.18 10.80 18.10
C VAL A 299 0.66 11.87 19.08
N GLU A 300 1.89 11.76 19.56
CA GLU A 300 2.44 12.74 20.48
C GLU A 300 2.86 14.01 19.72
N ASN A 301 2.90 13.94 18.40
CA ASN A 301 3.33 15.10 17.61
C ASN A 301 2.41 15.57 16.48
N ALA A 302 1.43 14.75 16.11
CA ALA A 302 0.54 15.13 15.01
C ALA A 302 -0.75 15.84 15.39
N LYS A 303 -0.91 16.17 16.68
CA LYS A 303 -2.13 16.86 17.13
C LYS A 303 -2.27 18.28 16.60
N LEU A 304 -3.47 18.59 16.12
CA LEU A 304 -3.79 19.90 15.58
C LEU A 304 -5.28 20.15 15.75
N ASP A 305 -5.61 21.00 16.72
CA ASP A 305 -7.00 21.33 17.03
C ASP A 305 -7.86 20.10 17.33
N GLY A 306 -7.29 19.15 18.06
CA GLY A 306 -8.03 17.95 18.41
C GLY A 306 -7.98 16.83 17.39
N TYR A 307 -7.44 17.13 16.20
CA TYR A 307 -7.34 16.12 15.15
C TYR A 307 -5.90 15.76 14.87
N LEU A 308 -5.68 14.93 13.85
CA LEU A 308 -4.33 14.50 13.49
C LEU A 308 -3.92 14.91 12.08
N LEU A 309 -2.85 15.70 11.98
CA LEU A 309 -2.31 16.13 10.69
C LEU A 309 -0.95 15.44 10.70
N MSE A 310 -0.87 14.34 9.95
CA MSE A 310 0.33 13.51 9.93
C MSE A 310 1.21 13.63 8.68
O MSE A 310 0.86 13.14 7.60
CB MSE A 310 -0.12 12.06 10.15
CG MSE A 310 -1.07 11.95 11.35
SE MSE A 310 -2.13 10.33 11.51
CE MSE A 310 -3.63 10.82 10.38
N GLY A 311 2.35 14.29 8.85
CA GLY A 311 3.29 14.47 7.77
C GLY A 311 4.27 13.33 7.61
N MSE A 312 5.26 13.51 6.74
CA MSE A 312 6.26 12.49 6.47
C MSE A 312 7.11 12.09 7.69
O MSE A 312 7.34 10.91 7.92
CB MSE A 312 7.17 12.95 5.34
CG MSE A 312 7.10 12.06 4.13
SE MSE A 312 8.35 10.59 4.25
CE MSE A 312 9.11 10.74 2.50
N ASN A 313 7.56 13.08 8.46
CA ASN A 313 8.36 12.80 9.65
C ASN A 313 7.44 12.80 10.86
N TRP A 314 7.23 11.62 11.44
CA TRP A 314 6.32 11.49 12.57
C TRP A 314 6.75 12.17 13.87
N LYS A 315 8.04 12.45 14.01
CA LYS A 315 8.54 13.09 15.22
C LYS A 315 8.31 14.60 15.19
N GLU A 316 8.43 15.20 14.01
CA GLU A 316 8.25 16.64 13.87
C GLU A 316 6.79 17.06 13.93
N LYS A 317 6.55 18.28 14.39
CA LYS A 317 5.20 18.82 14.46
C LYS A 317 4.78 19.13 13.02
N PRO A 318 3.47 19.07 12.75
CA PRO A 318 2.94 19.34 11.40
C PRO A 318 3.49 20.66 10.87
N SER A 319 4.15 20.61 9.71
CA SER A 319 4.72 21.81 9.10
C SER A 319 4.71 21.77 7.59
N GLY A 320 4.69 22.95 6.97
CA GLY A 320 4.70 23.03 5.52
C GLY A 320 3.51 22.44 4.78
N LYS A 321 3.71 22.18 3.49
CA LYS A 321 2.67 21.63 2.62
C LYS A 321 2.68 20.10 2.74
N ILE A 322 1.56 19.55 3.22
CA ILE A 322 1.45 18.11 3.42
C ILE A 322 0.43 17.43 2.51
N PRO A 323 0.87 16.46 1.71
CA PRO A 323 -0.04 15.75 0.80
C PRO A 323 -0.86 14.74 1.61
N TYR A 324 -2.09 14.46 1.20
CA TYR A 324 -2.87 13.51 1.99
C TYR A 324 -2.34 12.09 1.89
N SER A 325 -1.34 11.88 1.04
CA SER A 325 -0.72 10.56 0.92
C SER A 325 -0.05 10.27 2.26
N ALA A 326 0.52 11.32 2.86
CA ALA A 326 1.18 11.20 4.17
C ALA A 326 0.10 10.95 5.22
N GLU A 327 -1.02 11.66 5.09
CA GLU A 327 -2.14 11.51 6.00
C GLU A 327 -2.60 10.05 5.95
N LEU A 328 -2.65 9.49 4.75
CA LEU A 328 -3.06 8.09 4.57
C LEU A 328 -2.13 7.11 5.27
N SER A 329 -0.82 7.30 5.17
CA SER A 329 0.05 6.34 5.83
C SER A 329 -0.10 6.40 7.33
N GLY A 330 -0.46 7.56 7.85
CA GLY A 330 -0.64 7.69 9.28
C GLY A 330 -1.91 6.97 9.67
N MSE A 331 -2.94 7.13 8.84
CA MSE A 331 -4.22 6.49 9.07
C MSE A 331 -4.04 4.96 9.00
O MSE A 331 -4.61 4.23 9.80
CB MSE A 331 -5.24 6.94 8.02
CG MSE A 331 -5.35 8.46 7.89
SE MSE A 331 -6.55 8.98 6.46
CE MSE A 331 -5.40 9.89 5.24
N ILE A 332 -3.24 4.51 8.04
CA ILE A 332 -3.01 3.07 7.89
C ILE A 332 -2.30 2.51 9.12
N ALA A 333 -1.26 3.21 9.55
CA ALA A 333 -0.50 2.78 10.72
C ALA A 333 -1.38 2.64 11.95
N LEU A 334 -2.24 3.64 12.19
CA LEU A 334 -3.12 3.62 13.35
C LEU A 334 -4.17 2.49 13.28
N GLU A 335 -4.67 2.20 12.08
CA GLU A 335 -5.61 1.10 11.96
C GLU A 335 -4.86 -0.21 12.25
N MSE A 336 -3.58 -0.27 11.88
CA MSE A 336 -2.80 -1.47 12.15
C MSE A 336 -2.55 -1.59 13.65
O MSE A 336 -2.65 -2.68 14.23
CB MSE A 336 -1.45 -1.43 11.40
CG MSE A 336 -1.60 -1.50 9.88
SE MSE A 336 -2.64 -3.02 9.22
CE MSE A 336 -4.31 -2.11 8.82
N ALA A 337 -2.27 -0.46 14.30
CA ALA A 337 -2.05 -0.45 15.74
C ALA A 337 -3.35 -0.92 16.40
N ALA A 338 -4.48 -0.41 15.93
CA ALA A 338 -5.77 -0.79 16.49
C ALA A 338 -6.00 -2.30 16.33
N LYS A 339 -5.62 -2.85 15.20
CA LYS A 339 -5.81 -4.29 14.98
C LYS A 339 -4.92 -5.07 15.94
N LEU A 340 -3.67 -4.64 16.08
CA LEU A 340 -2.72 -5.29 16.97
C LEU A 340 -3.23 -5.23 18.41
N GLU A 341 -3.88 -4.12 18.75
CA GLU A 341 -4.43 -3.89 20.07
C GLU A 341 -5.50 -4.93 20.45
N LEU A 342 -6.22 -5.45 19.45
CA LEU A 342 -7.25 -6.45 19.70
C LEU A 342 -6.67 -7.81 20.06
N GLU A 343 -5.36 -7.95 19.87
CA GLU A 343 -4.65 -9.19 20.19
C GLU A 343 -5.34 -10.41 19.59
N HIS A 344 -5.49 -10.42 18.28
CA HIS A 344 -6.10 -11.55 17.58
C HIS A 344 -5.14 -12.73 17.66
N HIS A 345 -5.67 -13.94 17.85
CA HIS A 345 -4.82 -15.12 17.92
C HIS A 345 -4.89 -15.94 16.64
N HIS A 346 -3.73 -16.19 16.03
CA HIS A 346 -3.67 -16.94 14.78
C HIS A 346 -2.92 -18.27 14.90
N HIS A 347 -2.02 -18.38 15.87
CA HIS A 347 -1.27 -19.61 16.06
C HIS A 347 -0.99 -19.80 17.54
N HIS A 348 -0.82 -21.04 17.97
CA HIS A 348 -0.54 -21.28 19.37
C HIS A 348 0.95 -21.08 19.65
P PO4 B . -0.13 -14.57 20.76
O1 PO4 B . -0.43 -14.43 22.30
O2 PO4 B . 0.51 -13.23 20.21
O3 PO4 B . 0.88 -15.75 20.54
O4 PO4 B . -1.46 -14.86 19.96
#